data_4LUM
#
_entry.id   4LUM
#
_cell.length_a   44.940
_cell.length_b   45.010
_cell.length_c   48.690
_cell.angle_alpha   87.81
_cell.angle_beta   89.86
_cell.angle_gamma   75.47
#
_symmetry.space_group_name_H-M   'P 1'
#
loop_
_entity.id
_entity.type
_entity.pdbx_description
1 polymer 'Glucose-6-phosphate isomerase'
2 non-polymer 'MANGANESE (II) ION'
3 non-polymer 'FRUCTOSE -6-PHOSPHATE'
4 water water
#
_entity_poly.entity_id   1
_entity_poly.type   'polypeptide(L)'
_entity_poly.pdbx_seq_one_letter_code
;MMYKEPFGVKVDFETGIIEGAKKSVRRLSDMEGYFVDERAWKELVEKEDPVVYEVYAVEQEEKEGDLNFATTVLYPGKVG
KEFFFTKGHFHAKLDRAEVYVALKGKGGMLLQTPEGDAKWISMEPGTVVYVPVYWAHRTVNIGDEPFIFLAIYPADAGHD
YGTIAEKGFSKIVIEENGEVKVVDNPRWKK
;
_entity_poly.pdbx_strand_id   A,B
#
loop_
_chem_comp.id
_chem_comp.type
_chem_comp.name
_chem_comp.formula
F6R non-polymer 'FRUCTOSE -6-PHOSPHATE' 'C6 H13 O9 P'
MN non-polymer 'MANGANESE (II) ION' 'Mn 2'
#
# COMPACT_ATOMS: atom_id res chain seq x y z
N MET A 1 -3.05 12.62 26.02
CA MET A 1 -3.88 12.38 24.80
C MET A 1 -4.18 10.89 24.64
N MET A 2 -5.20 10.57 23.85
CA MET A 2 -5.49 9.18 23.56
C MET A 2 -4.87 8.84 22.21
N TYR A 3 -4.01 7.83 22.22
CA TYR A 3 -3.38 7.37 21.00
C TYR A 3 -4.28 6.39 20.29
N LYS A 4 -4.26 6.45 18.96
CA LYS A 4 -4.87 5.40 18.17
C LYS A 4 -4.02 4.15 18.31
N GLU A 5 -4.68 3.03 18.54
CA GLU A 5 -4.04 1.74 18.64
C GLU A 5 -3.56 1.33 17.24
N PRO A 6 -2.29 0.86 17.13
CA PRO A 6 -1.89 0.22 15.88
C PRO A 6 -2.63 -1.10 15.74
N PHE A 7 -2.85 -1.54 14.51
CA PHE A 7 -3.52 -2.82 14.32
C PHE A 7 -3.03 -3.49 13.05
N GLY A 8 -3.17 -4.81 13.04
CA GLY A 8 -2.91 -5.62 11.86
C GLY A 8 -4.19 -6.30 11.43
N VAL A 9 -4.44 -6.31 10.13
CA VAL A 9 -5.57 -7.06 9.59
C VAL A 9 -5.07 -8.01 8.52
N LYS A 10 -5.75 -9.14 8.36
CA LYS A 10 -5.38 -10.09 7.32
C LYS A 10 -6.09 -9.74 6.01
N VAL A 11 -5.32 -9.64 4.93
CA VAL A 11 -5.88 -9.53 3.59
C VAL A 11 -5.57 -10.81 2.84
N ASP A 12 -6.61 -11.44 2.29
CA ASP A 12 -6.43 -12.63 1.49
C ASP A 12 -6.12 -12.19 0.06
N PHE A 13 -4.88 -12.40 -0.40
CA PHE A 13 -4.48 -11.93 -1.74
C PHE A 13 -5.18 -12.67 -2.88
N GLU A 14 -5.81 -13.79 -2.54
CA GLU A 14 -6.49 -14.62 -3.52
C GLU A 14 -7.95 -14.23 -3.71
N THR A 15 -8.55 -13.64 -2.69
CA THR A 15 -9.99 -13.32 -2.72
C THR A 15 -10.28 -11.83 -2.53
N GLY A 16 -9.28 -11.09 -2.07
CA GLY A 16 -9.43 -9.68 -1.73
C GLY A 16 -10.14 -9.39 -0.43
N ILE A 17 -10.63 -10.42 0.25
CA ILE A 17 -11.44 -10.22 1.46
C ILE A 17 -10.56 -9.75 2.63
N ILE A 18 -10.97 -8.66 3.28
CA ILE A 18 -10.33 -8.18 4.51
C ILE A 18 -11.25 -8.48 5.67
N GLU A 19 -10.70 -9.13 6.69
CA GLU A 19 -11.43 -9.48 7.93
C GLU A 19 -11.98 -8.24 8.63
N GLY A 20 -13.29 -8.24 8.86
CA GLY A 20 -13.97 -7.21 9.63
C GLY A 20 -14.06 -5.84 9.00
N ALA A 21 -13.86 -5.77 7.68
CA ALA A 21 -13.84 -4.49 6.97
C ALA A 21 -15.23 -4.05 6.50
N LYS A 22 -15.38 -2.75 6.22
CA LYS A 22 -16.64 -2.21 5.70
C LYS A 22 -16.81 -2.62 4.24
N LYS A 23 -17.77 -3.50 3.99
CA LYS A 23 -18.01 -4.05 2.65
C LYS A 23 -19.07 -3.29 1.86
N SER A 24 -18.71 -2.91 0.64
CA SER A 24 -19.62 -2.25 -0.28
C SER A 24 -19.71 -3.07 -1.56
N VAL A 25 -20.91 -3.08 -2.16
CA VAL A 25 -21.17 -3.84 -3.36
C VAL A 25 -21.78 -2.89 -4.38
N ARG A 26 -21.17 -2.83 -5.57
CA ARG A 26 -21.69 -2.03 -6.67
C ARG A 26 -22.24 -2.95 -7.75
N ARG A 27 -23.53 -2.86 -8.00
CA ARG A 27 -24.16 -3.66 -9.06
C ARG A 27 -24.29 -2.83 -10.30
N LEU A 28 -24.61 -3.51 -11.40
CA LEU A 28 -24.67 -2.81 -12.69
C LEU A 28 -25.75 -1.75 -12.65
N SER A 29 -26.84 -2.01 -11.91
CA SER A 29 -27.95 -1.06 -11.83
C SER A 29 -27.57 0.23 -11.12
N ASP A 30 -26.49 0.18 -10.35
CA ASP A 30 -25.94 1.36 -9.67
C ASP A 30 -25.13 2.26 -10.59
N MET A 31 -24.99 1.87 -11.86
CA MET A 31 -24.08 2.52 -12.80
C MET A 31 -24.81 2.96 -14.08
N GLU A 32 -26.02 3.47 -13.92
CA GLU A 32 -26.73 4.06 -15.07
C GLU A 32 -25.97 5.28 -15.57
N GLY A 33 -25.88 5.42 -16.90
CA GLY A 33 -25.19 6.55 -17.52
C GLY A 33 -23.67 6.42 -17.56
N TYR A 34 -23.13 5.26 -17.16
CA TYR A 34 -21.66 5.05 -17.17
C TYR A 34 -21.11 4.40 -18.44
N PHE A 35 -21.91 3.52 -19.03
CA PHE A 35 -21.48 2.72 -20.18
C PHE A 35 -22.00 3.31 -21.48
N VAL A 36 -21.19 3.19 -22.54
CA VAL A 36 -21.53 3.74 -23.86
C VAL A 36 -22.82 3.11 -24.41
N ASP A 37 -22.89 1.79 -24.35
CA ASP A 37 -24.02 1.05 -24.92
C ASP A 37 -25.19 0.96 -23.93
N GLU A 38 -26.07 1.96 -23.95
CA GLU A 38 -27.18 2.06 -22.99
C GLU A 38 -28.18 0.90 -23.11
N ARG A 39 -28.43 0.43 -24.33
CA ARG A 39 -29.35 -0.69 -24.52
C ARG A 39 -28.77 -1.99 -23.95
N ALA A 40 -27.48 -2.20 -24.13
CA ALA A 40 -26.79 -3.36 -23.59
C ALA A 40 -26.79 -3.32 -22.06
N TRP A 41 -26.57 -2.12 -21.49
CA TRP A 41 -26.65 -1.91 -20.05
C TRP A 41 -28.06 -2.31 -19.55
N LYS A 42 -29.09 -1.79 -20.21
CA LYS A 42 -30.45 -2.05 -19.79
C LYS A 42 -30.76 -3.55 -19.88
N GLU A 43 -30.35 -4.20 -20.95
CA GLU A 43 -30.61 -5.64 -21.11
C GLU A 43 -29.91 -6.47 -20.03
N LEU A 44 -28.67 -6.11 -19.71
CA LEU A 44 -27.91 -6.86 -18.72
C LEU A 44 -28.44 -6.66 -17.29
N VAL A 45 -28.84 -5.42 -16.98
CA VAL A 45 -29.50 -5.13 -15.70
C VAL A 45 -30.77 -5.95 -15.53
N GLU A 46 -31.60 -5.99 -16.56
CA GLU A 46 -32.86 -6.74 -16.52
C GLU A 46 -32.61 -8.23 -16.37
N LYS A 47 -31.66 -8.76 -17.12
CA LYS A 47 -31.36 -10.19 -17.09
C LYS A 47 -30.71 -10.71 -15.82
N GLU A 48 -29.76 -9.96 -15.29
CA GLU A 48 -28.85 -10.43 -14.23
C GLU A 48 -28.59 -9.43 -13.11
N ASP A 49 -28.64 -8.14 -13.42
CA ASP A 49 -28.04 -7.09 -12.57
C ASP A 49 -26.79 -7.60 -11.85
N PRO A 50 -25.74 -7.93 -12.62
CA PRO A 50 -24.56 -8.52 -12.02
C PRO A 50 -23.86 -7.55 -11.08
N VAL A 51 -23.23 -8.10 -10.06
CA VAL A 51 -22.29 -7.35 -9.26
C VAL A 51 -21.08 -6.99 -10.11
N VAL A 52 -20.73 -5.70 -10.16
CA VAL A 52 -19.60 -5.26 -10.98
C VAL A 52 -18.33 -5.25 -10.13
N TYR A 53 -18.44 -4.71 -8.93
CA TYR A 53 -17.33 -4.75 -7.99
C TYR A 53 -17.73 -4.70 -6.53
N GLU A 54 -16.87 -5.27 -5.69
CA GLU A 54 -17.01 -5.16 -4.25
C GLU A 54 -15.77 -4.47 -3.67
N VAL A 55 -15.96 -3.75 -2.58
CA VAL A 55 -14.88 -3.03 -1.90
C VAL A 55 -14.90 -3.40 -0.43
N TYR A 56 -13.72 -3.77 0.08
CA TYR A 56 -13.50 -3.95 1.51
C TYR A 56 -12.60 -2.83 2.00
N ALA A 57 -13.18 -1.92 2.80
CA ALA A 57 -12.47 -0.69 3.17
C ALA A 57 -12.17 -0.62 4.66
N VAL A 58 -10.98 -0.11 4.95
CA VAL A 58 -10.55 0.19 6.33
C VAL A 58 -10.22 1.67 6.38
N GLU A 59 -11.19 2.44 6.86
CA GLU A 59 -11.14 3.89 6.76
C GLU A 59 -10.96 4.53 8.12
N GLN A 60 -10.26 5.65 8.13
CA GLN A 60 -10.06 6.44 9.33
C GLN A 60 -10.91 7.68 9.21
N GLU A 61 -11.12 8.36 10.33
CA GLU A 61 -11.77 9.66 10.33
C GLU A 61 -11.00 10.62 9.44
N GLU A 62 -11.72 11.44 8.69
CA GLU A 62 -11.12 12.37 7.74
C GLU A 62 -10.24 13.37 8.50
N LYS A 63 -8.93 13.19 8.37
CA LYS A 63 -7.94 14.11 8.92
C LYS A 63 -6.62 14.00 8.18
N GLU A 64 -6.00 15.15 7.94
CA GLU A 64 -4.70 15.24 7.26
C GLU A 64 -3.65 14.37 7.93
N GLY A 65 -2.85 13.68 7.12
CA GLY A 65 -1.78 12.82 7.63
C GLY A 65 -2.15 11.35 7.80
N ASP A 66 -3.46 11.08 7.86
CA ASP A 66 -3.95 9.73 8.08
C ASP A 66 -4.16 9.01 6.74
N LEU A 67 -4.24 7.68 6.78
CA LEU A 67 -4.36 6.88 5.57
C LEU A 67 -5.48 5.86 5.67
N ASN A 68 -6.20 5.70 4.57
CA ASN A 68 -7.18 4.63 4.42
C ASN A 68 -6.60 3.57 3.54
N PHE A 69 -7.12 2.34 3.63
CA PHE A 69 -6.81 1.32 2.63
C PHE A 69 -8.05 0.47 2.35
N ALA A 70 -8.09 -0.11 1.16
CA ALA A 70 -9.24 -0.85 0.71
C ALA A 70 -8.83 -1.79 -0.38
N THR A 71 -9.42 -2.97 -0.39
CA THR A 71 -9.34 -3.83 -1.55
C THR A 71 -10.59 -3.65 -2.39
N THR A 72 -10.41 -3.87 -3.70
CA THR A 72 -11.51 -3.99 -4.62
C THR A 72 -11.40 -5.31 -5.37
N VAL A 73 -12.55 -5.93 -5.56
CA VAL A 73 -12.65 -7.13 -6.35
C VAL A 73 -13.53 -6.70 -7.53
N LEU A 74 -12.91 -6.55 -8.69
CA LEU A 74 -13.61 -6.09 -9.88
C LEU A 74 -13.91 -7.31 -10.72
N TYR A 75 -15.19 -7.64 -10.86
CA TYR A 75 -15.60 -8.87 -11.54
C TYR A 75 -15.48 -8.80 -13.08
N PRO A 76 -15.26 -9.96 -13.72
CA PRO A 76 -15.11 -9.91 -15.17
C PRO A 76 -16.46 -9.77 -15.86
N GLY A 77 -16.49 -9.07 -16.97
CA GLY A 77 -17.69 -8.90 -17.76
C GLY A 77 -17.57 -7.78 -18.76
N LYS A 78 -18.58 -7.66 -19.61
CA LYS A 78 -18.67 -6.58 -20.59
C LYS A 78 -20.09 -6.05 -20.66
N VAL A 79 -20.19 -4.75 -20.94
CA VAL A 79 -21.47 -4.14 -21.27
C VAL A 79 -21.33 -3.76 -22.73
N GLY A 80 -21.98 -4.55 -23.60
CA GLY A 80 -21.70 -4.49 -25.05
C GLY A 80 -20.24 -4.90 -25.28
N LYS A 81 -19.45 -3.96 -25.81
CA LYS A 81 -18.03 -4.19 -26.04
C LYS A 81 -17.12 -3.70 -24.88
N GLU A 82 -17.72 -3.04 -23.90
CA GLU A 82 -16.96 -2.31 -22.88
C GLU A 82 -16.72 -3.16 -21.64
N PHE A 83 -15.46 -3.33 -21.26
CA PHE A 83 -15.16 -4.11 -20.05
C PHE A 83 -15.71 -3.47 -18.78
N PHE A 84 -16.10 -4.32 -17.84
CA PHE A 84 -16.45 -3.90 -16.47
C PHE A 84 -15.34 -3.01 -15.88
N PHE A 85 -15.78 -1.96 -15.22
CA PHE A 85 -14.91 -0.99 -14.59
C PHE A 85 -15.51 -0.42 -13.31
N THR A 86 -14.69 0.26 -12.52
CA THR A 86 -15.19 1.02 -11.38
C THR A 86 -15.73 2.36 -11.87
N LYS A 87 -16.64 2.94 -11.09
CA LYS A 87 -17.25 4.22 -11.43
C LYS A 87 -16.20 5.25 -11.81
N GLY A 88 -15.15 5.36 -10.98
CA GLY A 88 -14.10 6.30 -11.22
C GLY A 88 -14.37 7.60 -10.50
N HIS A 89 -13.30 8.30 -10.12
CA HIS A 89 -13.48 9.56 -9.42
C HIS A 89 -12.21 10.38 -9.44
N PHE A 90 -12.38 11.67 -9.16
CA PHE A 90 -11.32 12.55 -8.68
C PHE A 90 -11.44 12.50 -7.16
N HIS A 91 -10.36 12.87 -6.49
CA HIS A 91 -10.48 13.12 -5.06
C HIS A 91 -11.12 14.50 -4.88
N ALA A 92 -11.88 14.65 -3.80
CA ALA A 92 -12.50 15.95 -3.43
C ALA A 92 -11.43 16.98 -3.11
N LYS A 93 -10.38 16.53 -2.41
CA LYS A 93 -9.17 17.32 -2.33
C LYS A 93 -8.31 16.80 -3.45
N LEU A 94 -8.18 17.62 -4.49
CA LEU A 94 -7.53 17.18 -5.71
C LEU A 94 -6.05 16.88 -5.50
N ASP A 95 -5.42 17.65 -4.63
CA ASP A 95 -4.01 17.47 -4.31
C ASP A 95 -3.74 16.30 -3.36
N ARG A 96 -4.32 15.14 -3.66
CA ARG A 96 -4.08 13.93 -2.88
C ARG A 96 -3.79 12.76 -3.82
N ALA A 97 -2.62 12.16 -3.63
CA ALA A 97 -2.19 11.02 -4.45
C ALA A 97 -2.73 9.73 -3.88
N GLU A 98 -2.50 8.61 -4.59
CA GLU A 98 -2.96 7.29 -4.15
C GLU A 98 -1.98 6.26 -4.71
N VAL A 99 -1.82 5.13 -4.02
CA VAL A 99 -0.97 4.04 -4.48
C VAL A 99 -1.86 2.80 -4.58
N TYR A 100 -1.79 2.09 -5.71
CA TYR A 100 -2.54 0.85 -5.89
C TYR A 100 -1.54 -0.29 -6.00
N VAL A 101 -1.92 -1.44 -5.48
CA VAL A 101 -1.10 -2.66 -5.64
C VAL A 101 -1.97 -3.77 -6.23
N ALA A 102 -1.61 -4.26 -7.42
CA ALA A 102 -2.43 -5.28 -8.05
C ALA A 102 -2.09 -6.61 -7.43
N LEU A 103 -3.12 -7.40 -7.12
CA LEU A 103 -2.92 -8.66 -6.41
C LEU A 103 -3.26 -9.90 -7.23
N LYS A 104 -4.31 -9.81 -8.05
CA LYS A 104 -4.80 -10.93 -8.82
C LYS A 104 -5.47 -10.48 -10.11
N GLY A 105 -5.36 -11.31 -11.16
CA GLY A 105 -6.07 -11.09 -12.40
C GLY A 105 -5.38 -10.15 -13.36
N LYS A 106 -6.13 -9.67 -14.35
CA LYS A 106 -5.57 -8.84 -15.38
C LYS A 106 -6.47 -7.64 -15.60
N GLY A 107 -5.86 -6.47 -15.59
CA GLY A 107 -6.65 -5.24 -15.61
C GLY A 107 -5.75 -4.08 -15.85
N GLY A 108 -6.24 -2.90 -15.53
CA GLY A 108 -5.39 -1.75 -15.64
C GLY A 108 -6.16 -0.56 -15.14
N MET A 109 -5.50 0.57 -15.21
CA MET A 109 -6.10 1.79 -14.75
C MET A 109 -6.14 2.80 -15.88
N LEU A 110 -7.31 3.41 -16.02
CA LEU A 110 -7.48 4.57 -16.87
C LEU A 110 -7.43 5.81 -15.99
N LEU A 111 -6.58 6.78 -16.37
CA LEU A 111 -6.47 8.05 -15.65
C LEU A 111 -6.71 9.22 -16.57
N GLN A 112 -7.18 10.32 -15.98
CA GLN A 112 -7.56 11.49 -16.74
C GLN A 112 -7.35 12.75 -15.92
N THR A 113 -6.82 13.79 -16.56
CA THR A 113 -6.68 15.09 -15.92
C THR A 113 -8.02 15.85 -15.95
N PRO A 114 -8.14 16.97 -15.21
CA PRO A 114 -9.32 17.82 -15.34
C PRO A 114 -9.62 18.26 -16.78
N GLU A 115 -8.61 18.35 -17.64
CA GLU A 115 -8.85 18.72 -19.05
C GLU A 115 -9.27 17.55 -19.93
N GLY A 116 -9.16 16.34 -19.40
CA GLY A 116 -9.57 15.14 -20.12
C GLY A 116 -8.46 14.43 -20.87
N ASP A 117 -7.22 14.78 -20.58
CA ASP A 117 -6.09 14.06 -21.16
C ASP A 117 -5.93 12.73 -20.43
N ALA A 118 -5.82 11.65 -21.21
CA ALA A 118 -5.93 10.29 -20.65
C ALA A 118 -4.64 9.46 -20.70
N LYS A 119 -4.57 8.46 -19.82
CA LYS A 119 -3.42 7.56 -19.71
C LYS A 119 -3.95 6.19 -19.27
N TRP A 120 -3.41 5.13 -19.88
CA TRP A 120 -3.70 3.77 -19.44
C TRP A 120 -2.43 3.17 -18.82
N ILE A 121 -2.59 2.50 -17.68
CA ILE A 121 -1.51 1.76 -17.04
C ILE A 121 -1.95 0.32 -16.87
N SER A 122 -1.18 -0.62 -17.45
CA SER A 122 -1.48 -2.04 -17.32
C SER A 122 -1.22 -2.49 -15.90
N MET A 123 -2.08 -3.36 -15.37
CA MET A 123 -1.84 -3.90 -14.04
C MET A 123 -1.92 -5.43 -14.07
N GLU A 124 -0.85 -6.06 -13.62
CA GLU A 124 -0.83 -7.50 -13.43
C GLU A 124 -0.32 -7.71 -12.02
N PRO A 125 -0.51 -8.91 -11.42
CA PRO A 125 -0.12 -9.00 -10.01
C PRO A 125 1.32 -8.50 -9.76
N GLY A 126 1.49 -7.69 -8.73
CA GLY A 126 2.80 -7.10 -8.42
C GLY A 126 2.97 -5.69 -8.93
N THR A 127 2.13 -5.26 -9.86
CA THR A 127 2.19 -3.88 -10.32
C THR A 127 1.73 -2.94 -9.23
N VAL A 128 2.56 -1.94 -8.96
CA VAL A 128 2.20 -0.85 -8.09
C VAL A 128 2.02 0.37 -8.99
N VAL A 129 0.89 1.03 -8.82
CA VAL A 129 0.54 2.20 -9.64
C VAL A 129 0.47 3.40 -8.74
N TYR A 130 1.14 4.46 -9.17
CA TYR A 130 1.13 5.72 -8.49
C TYR A 130 0.16 6.61 -9.21
N VAL A 131 -0.89 7.00 -8.49
CA VAL A 131 -1.90 7.95 -8.96
C VAL A 131 -1.55 9.35 -8.45
N PRO A 132 -1.10 10.25 -9.35
CA PRO A 132 -0.66 11.55 -8.92
C PRO A 132 -1.83 12.46 -8.59
N VAL A 133 -1.53 13.51 -7.86
CA VAL A 133 -2.50 14.56 -7.61
C VAL A 133 -3.17 15.02 -8.92
N TYR A 134 -4.46 15.35 -8.81
CA TYR A 134 -5.27 15.92 -9.89
C TYR A 134 -5.72 14.94 -11.00
N TRP A 135 -5.44 13.64 -10.87
CA TRP A 135 -5.88 12.66 -11.89
C TRP A 135 -7.08 11.87 -11.40
N ALA A 136 -8.16 11.87 -12.19
CA ALA A 136 -9.28 10.94 -12.01
C ALA A 136 -8.76 9.56 -12.33
N HIS A 137 -9.35 8.55 -11.72
CA HIS A 137 -8.85 7.19 -11.92
C HIS A 137 -9.98 6.17 -11.85
N ARG A 138 -9.92 5.20 -12.74
CA ARG A 138 -10.90 4.15 -12.91
C ARG A 138 -10.10 2.88 -13.18
N THR A 139 -10.50 1.78 -12.58
CA THR A 139 -9.86 0.50 -12.88
C THR A 139 -10.78 -0.33 -13.75
N VAL A 140 -10.17 -1.19 -14.56
CA VAL A 140 -10.91 -1.92 -15.58
C VAL A 140 -10.42 -3.35 -15.54
N ASN A 141 -11.35 -4.30 -15.62
CA ASN A 141 -10.98 -5.72 -15.68
C ASN A 141 -11.02 -6.20 -17.14
N ILE A 142 -9.85 -6.51 -17.71
CA ILE A 142 -9.76 -6.91 -19.13
C ILE A 142 -9.60 -8.42 -19.31
N GLY A 143 -9.77 -9.17 -18.22
CA GLY A 143 -9.64 -10.63 -18.25
C GLY A 143 -10.90 -11.42 -17.92
N ASP A 144 -10.73 -12.73 -17.72
CA ASP A 144 -11.85 -13.63 -17.48
C ASP A 144 -12.02 -14.01 -16.00
N GLU A 145 -11.10 -13.53 -15.16
CA GLU A 145 -11.12 -13.78 -13.72
C GLU A 145 -11.29 -12.46 -12.95
N PRO A 146 -11.65 -12.52 -11.65
CA PRO A 146 -11.65 -11.28 -10.87
C PRO A 146 -10.29 -10.58 -10.88
N PHE A 147 -10.36 -9.26 -10.98
CA PHE A 147 -9.22 -8.37 -10.89
C PHE A 147 -9.26 -7.78 -9.48
N ILE A 148 -8.25 -8.10 -8.70
CA ILE A 148 -8.20 -7.72 -7.29
C ILE A 148 -6.99 -6.84 -7.01
N PHE A 149 -7.21 -5.75 -6.29
CA PHE A 149 -6.13 -4.83 -5.98
C PHE A 149 -6.35 -4.17 -4.62
N LEU A 150 -5.27 -3.62 -4.07
CA LEU A 150 -5.31 -2.89 -2.81
C LEU A 150 -5.00 -1.45 -3.11
N ALA A 151 -5.78 -0.53 -2.56
CA ALA A 151 -5.48 0.88 -2.73
C ALA A 151 -5.20 1.50 -1.37
N ILE A 152 -4.22 2.39 -1.32
CA ILE A 152 -3.86 3.11 -0.09
C ILE A 152 -3.92 4.59 -0.41
N TYR A 153 -4.70 5.33 0.35
CA TYR A 153 -5.03 6.71 0.01
C TYR A 153 -5.19 7.61 1.23
N PRO A 154 -4.93 8.93 1.11
CA PRO A 154 -5.05 9.79 2.28
C PRO A 154 -6.48 9.81 2.80
N ALA A 155 -6.63 9.72 4.12
CA ALA A 155 -7.95 9.68 4.77
C ALA A 155 -8.80 10.92 4.51
N ASP A 156 -8.17 12.01 4.09
CA ASP A 156 -8.92 13.25 3.80
C ASP A 156 -9.06 13.56 2.30
N ALA A 157 -8.75 12.58 1.45
CA ALA A 157 -8.79 12.76 0.00
C ALA A 157 -10.23 12.97 -0.46
N GLY A 158 -11.12 12.15 0.08
CA GLY A 158 -12.54 12.20 -0.30
C GLY A 158 -12.77 11.70 -1.72
N HIS A 159 -14.01 11.83 -2.18
CA HIS A 159 -14.40 11.28 -3.47
C HIS A 159 -15.27 12.31 -4.20
N ASP A 160 -14.90 12.59 -5.43
CA ASP A 160 -15.71 13.36 -6.34
C ASP A 160 -16.11 12.45 -7.50
N TYR A 161 -17.28 11.83 -7.36
CA TYR A 161 -17.85 10.97 -8.38
C TYR A 161 -18.62 11.75 -9.44
N GLY A 162 -19.17 12.88 -9.04
CA GLY A 162 -20.13 13.61 -9.85
C GLY A 162 -19.60 14.08 -11.18
N THR A 163 -18.36 14.55 -11.19
CA THR A 163 -17.70 15.01 -12.40
C THR A 163 -17.64 13.90 -13.44
N ILE A 164 -17.27 12.71 -12.99
CA ILE A 164 -17.16 11.55 -13.86
C ILE A 164 -18.55 11.03 -14.27
N ALA A 165 -19.50 11.08 -13.34
CA ALA A 165 -20.87 10.64 -13.60
C ALA A 165 -21.48 11.45 -14.75
N GLU A 166 -21.18 12.75 -14.78
CA GLU A 166 -21.68 13.66 -15.82
C GLU A 166 -20.89 13.60 -17.15
N LYS A 167 -19.58 13.51 -17.08
CA LYS A 167 -18.74 13.68 -18.29
C LYS A 167 -18.06 12.41 -18.80
N GLY A 168 -17.93 11.43 -17.90
CA GLY A 168 -17.27 10.16 -18.22
C GLY A 168 -15.78 10.37 -18.43
N PHE A 169 -15.12 9.32 -18.91
CA PHE A 169 -13.72 9.38 -19.30
C PHE A 169 -13.62 9.61 -20.80
N SER A 170 -12.51 10.18 -21.24
CA SER A 170 -12.34 10.55 -22.63
C SER A 170 -11.96 9.35 -23.48
N LYS A 171 -11.53 8.27 -22.82
CA LYS A 171 -11.21 7.00 -23.48
C LYS A 171 -12.05 5.90 -22.88
N ILE A 172 -12.28 4.87 -23.67
CA ILE A 172 -12.97 3.68 -23.20
C ILE A 172 -12.12 2.45 -23.52
N VAL A 173 -12.30 1.39 -22.73
CA VAL A 173 -11.52 0.18 -22.91
C VAL A 173 -12.46 -0.92 -23.39
N ILE A 174 -12.24 -1.41 -24.61
CA ILE A 174 -13.15 -2.34 -25.26
C ILE A 174 -12.49 -3.60 -25.77
N GLU A 175 -13.33 -4.57 -26.13
CA GLU A 175 -12.92 -5.77 -26.84
C GLU A 175 -13.57 -5.72 -28.23
N GLU A 176 -12.72 -5.68 -29.26
CA GLU A 176 -13.17 -5.73 -30.67
C GLU A 176 -12.37 -6.81 -31.38
N ASN A 177 -13.09 -7.77 -31.97
CA ASN A 177 -12.46 -8.87 -32.73
C ASN A 177 -11.49 -9.70 -31.88
N GLY A 178 -11.79 -9.84 -30.59
CA GLY A 178 -10.93 -10.56 -29.66
C GLY A 178 -9.73 -9.78 -29.15
N GLU A 179 -9.59 -8.53 -29.56
CA GLU A 179 -8.49 -7.68 -29.11
C GLU A 179 -8.95 -6.64 -28.10
N VAL A 180 -8.16 -6.45 -27.05
CA VAL A 180 -8.43 -5.40 -26.07
C VAL A 180 -7.88 -4.08 -26.62
N LYS A 181 -8.69 -3.03 -26.60
CA LYS A 181 -8.30 -1.72 -27.14
C LYS A 181 -8.70 -0.55 -26.26
N VAL A 182 -7.84 0.47 -26.20
CA VAL A 182 -8.18 1.75 -25.60
C VAL A 182 -8.44 2.73 -26.71
N VAL A 183 -9.67 3.26 -26.77
CA VAL A 183 -10.10 4.14 -27.87
C VAL A 183 -10.86 5.35 -27.36
N ASP A 184 -11.05 6.36 -28.22
CA ASP A 184 -11.80 7.54 -27.87
C ASP A 184 -13.23 7.18 -27.46
N ASN A 185 -13.71 7.80 -26.38
CA ASN A 185 -15.10 7.69 -25.97
C ASN A 185 -15.91 8.57 -26.92
N PRO A 186 -16.84 7.94 -27.68
CA PRO A 186 -17.68 8.67 -28.65
C PRO A 186 -18.62 9.68 -27.98
N ARG A 187 -18.98 9.42 -26.72
CA ARG A 187 -19.88 10.29 -25.98
C ARG A 187 -19.17 11.37 -25.16
N TRP A 188 -17.84 11.41 -25.24
CA TRP A 188 -17.03 12.41 -24.54
C TRP A 188 -17.16 13.75 -25.23
N LYS A 189 -17.37 14.80 -24.45
CA LYS A 189 -17.54 16.15 -24.97
C LYS A 189 -16.31 17.02 -24.74
N LYS A 190 -15.69 17.47 -25.83
CA LYS A 190 -14.56 18.40 -25.74
C LYS A 190 -13.96 18.68 -27.12
N MET B 1 -0.26 24.85 -14.64
CA MET B 1 -0.14 23.48 -14.03
C MET B 1 0.29 22.40 -15.03
N MET B 2 1.47 21.87 -14.78
CA MET B 2 1.93 20.64 -15.38
C MET B 2 1.37 19.52 -14.52
N TYR B 3 1.12 18.37 -15.12
CA TYR B 3 0.67 17.23 -14.34
C TYR B 3 1.79 16.22 -14.28
N LYS B 4 2.00 15.63 -13.11
CA LYS B 4 2.91 14.50 -12.99
C LYS B 4 2.31 13.29 -13.71
N GLU B 5 3.16 12.56 -14.42
CA GLU B 5 2.75 11.39 -15.17
C GLU B 5 2.48 10.24 -14.22
N PRO B 6 1.29 9.61 -14.31
CA PRO B 6 1.06 8.39 -13.54
C PRO B 6 2.00 7.31 -14.06
N PHE B 7 2.33 6.35 -13.22
CA PHE B 7 3.18 5.24 -13.64
C PHE B 7 2.91 3.99 -12.84
N GLY B 8 3.31 2.87 -13.43
CA GLY B 8 3.27 1.57 -12.78
C GLY B 8 4.67 1.02 -12.73
N VAL B 9 4.99 0.35 -11.64
CA VAL B 9 6.26 -0.37 -11.55
C VAL B 9 5.97 -1.77 -11.06
N LYS B 10 6.77 -2.73 -11.53
CA LYS B 10 6.64 -4.11 -11.10
C LYS B 10 7.40 -4.31 -9.81
N VAL B 11 6.74 -4.90 -8.82
CA VAL B 11 7.40 -5.32 -7.59
C VAL B 11 7.36 -6.83 -7.59
N ASP B 12 8.51 -7.46 -7.42
CA ASP B 12 8.55 -8.91 -7.28
C ASP B 12 8.30 -9.24 -5.81
N PHE B 13 7.18 -9.90 -5.52
CA PHE B 13 6.82 -10.19 -4.14
C PHE B 13 7.82 -11.15 -3.48
N GLU B 14 8.49 -11.97 -4.29
CA GLU B 14 9.43 -12.98 -3.78
C GLU B 14 10.81 -12.42 -3.42
N THR B 15 11.16 -11.30 -4.05
CA THR B 15 12.50 -10.72 -3.87
C THR B 15 12.47 -9.31 -3.29
N GLY B 16 11.33 -8.63 -3.46
CA GLY B 16 11.18 -7.25 -2.99
C GLY B 16 11.75 -6.18 -3.89
N ILE B 17 12.42 -6.58 -4.95
CA ILE B 17 13.09 -5.64 -5.85
C ILE B 17 12.05 -4.83 -6.64
N ILE B 18 12.28 -3.52 -6.71
CA ILE B 18 11.54 -2.61 -7.59
C ILE B 18 12.56 -2.03 -8.57
N GLU B 19 12.37 -2.29 -9.87
CA GLU B 19 13.28 -1.77 -10.91
C GLU B 19 13.26 -0.24 -10.92
N GLY B 20 14.46 0.35 -10.92
CA GLY B 20 14.61 1.81 -11.01
C GLY B 20 14.38 2.59 -9.72
N ALA B 21 14.19 1.86 -8.62
CA ALA B 21 14.01 2.48 -7.31
C ALA B 21 15.35 2.83 -6.69
N LYS B 22 15.34 3.79 -5.77
CA LYS B 22 16.50 4.12 -4.95
C LYS B 22 16.75 2.99 -3.96
N LYS B 23 17.82 2.24 -4.20
CA LYS B 23 18.23 1.12 -3.34
C LYS B 23 19.15 1.60 -2.22
N SER B 24 18.88 1.12 -1.01
CA SER B 24 19.71 1.39 0.16
C SER B 24 20.03 0.06 0.86
N VAL B 25 21.24 -0.03 1.40
CA VAL B 25 21.70 -1.25 2.05
C VAL B 25 22.14 -0.89 3.46
N ARG B 26 21.59 -1.58 4.46
CA ARG B 26 22.09 -1.42 5.82
C ARG B 26 22.81 -2.69 6.26
N ARG B 27 24.13 -2.59 6.39
CA ARG B 27 24.91 -3.70 6.91
C ARG B 27 24.98 -3.59 8.43
N LEU B 28 25.36 -4.68 9.09
CA LEU B 28 25.46 -4.70 10.55
C LEU B 28 26.38 -3.60 11.07
N SER B 29 27.48 -3.35 10.37
CA SER B 29 28.43 -2.28 10.75
C SER B 29 27.76 -0.90 10.76
N ASP B 30 26.66 -0.76 10.03
CA ASP B 30 25.90 0.49 9.98
C ASP B 30 24.95 0.64 11.17
N MET B 31 24.91 -0.36 12.05
CA MET B 31 23.96 -0.34 13.18
C MET B 31 24.66 -0.44 14.55
N GLU B 32 25.81 0.21 14.67
CA GLU B 32 26.49 0.28 15.97
C GLU B 32 25.57 0.93 16.99
N GLY B 33 25.48 0.31 18.16
CA GLY B 33 24.69 0.85 19.26
C GLY B 33 23.21 0.54 19.25
N TYR B 34 22.77 -0.32 18.33
CA TYR B 34 21.36 -0.67 18.21
C TYR B 34 20.99 -1.96 18.94
N PHE B 35 21.94 -2.88 19.03
CA PHE B 35 21.68 -4.18 19.62
C PHE B 35 22.17 -4.20 21.05
N VAL B 36 21.51 -4.98 21.90
CA VAL B 36 21.87 -5.07 23.32
C VAL B 36 23.27 -5.67 23.52
N ASP B 37 23.55 -6.73 22.78
CA ASP B 37 24.79 -7.49 22.95
C ASP B 37 25.89 -6.92 22.06
N GLU B 38 26.65 -5.96 22.61
CA GLU B 38 27.69 -5.23 21.86
C GLU B 38 28.83 -6.15 21.45
N ARG B 39 29.12 -7.14 22.29
CA ARG B 39 30.17 -8.11 21.98
C ARG B 39 29.76 -9.08 20.87
N ALA B 40 28.49 -9.50 20.87
CA ALA B 40 27.95 -10.33 19.78
C ALA B 40 27.94 -9.56 18.47
N TRP B 41 27.60 -8.27 18.55
CA TRP B 41 27.62 -7.36 17.41
C TRP B 41 29.03 -7.25 16.81
N LYS B 42 30.03 -6.96 17.65
CA LYS B 42 31.41 -6.82 17.15
C LYS B 42 31.93 -8.09 16.48
N GLU B 43 31.64 -9.24 17.09
CA GLU B 43 32.06 -10.55 16.56
C GLU B 43 31.42 -10.83 15.18
N LEU B 44 30.14 -10.54 15.05
CA LEU B 44 29.43 -10.75 13.78
C LEU B 44 29.88 -9.77 12.68
N VAL B 45 30.14 -8.52 13.07
CA VAL B 45 30.72 -7.54 12.14
C VAL B 45 32.10 -7.97 11.63
N GLU B 46 32.96 -8.41 12.54
CA GLU B 46 34.29 -8.96 12.16
C GLU B 46 34.19 -10.14 11.18
N LYS B 47 33.34 -11.09 11.50
CA LYS B 47 33.29 -12.36 10.79
C LYS B 47 32.66 -12.22 9.40
N GLU B 48 31.62 -11.41 9.30
CA GLU B 48 30.74 -11.48 8.14
C GLU B 48 30.27 -10.11 7.66
N ASP B 49 30.13 -9.18 8.60
CA ASP B 49 29.40 -7.92 8.42
C ASP B 49 28.20 -8.06 7.49
N PRO B 50 27.21 -8.87 7.91
CA PRO B 50 26.10 -9.25 7.03
C PRO B 50 25.20 -8.07 6.70
N VAL B 51 24.53 -8.15 5.55
CA VAL B 51 23.46 -7.20 5.27
C VAL B 51 22.30 -7.50 6.22
N VAL B 52 21.77 -6.48 6.88
CA VAL B 52 20.62 -6.64 7.78
C VAL B 52 19.36 -6.37 6.99
N TYR B 53 19.33 -5.25 6.27
CA TYR B 53 18.20 -5.01 5.36
C TYR B 53 18.55 -4.15 4.16
N GLU B 54 17.72 -4.29 3.12
CA GLU B 54 17.81 -3.49 1.90
C GLU B 54 16.47 -2.82 1.68
N VAL B 55 16.48 -1.59 1.17
CA VAL B 55 15.27 -0.84 0.93
C VAL B 55 15.28 -0.40 -0.52
N TYR B 56 14.14 -0.58 -1.19
CA TYR B 56 13.95 -0.08 -2.54
C TYR B 56 12.83 0.95 -2.47
N ALA B 57 13.17 2.23 -2.65
CA ALA B 57 12.23 3.31 -2.37
C ALA B 57 11.84 4.08 -3.62
N VAL B 58 10.56 4.42 -3.73
CA VAL B 58 10.09 5.29 -4.81
C VAL B 58 9.52 6.52 -4.14
N GLU B 59 10.30 7.59 -4.18
CA GLU B 59 9.98 8.75 -3.37
C GLU B 59 9.70 9.99 -4.18
N GLN B 60 8.76 10.78 -3.68
CA GLN B 60 8.38 12.02 -4.30
C GLN B 60 8.97 13.19 -3.54
N GLU B 61 8.97 14.34 -4.19
CA GLU B 61 9.17 15.61 -3.53
C GLU B 61 8.32 15.65 -2.24
N GLU B 62 8.95 16.09 -1.14
CA GLU B 62 8.26 16.25 0.13
C GLU B 62 7.20 17.32 -0.03
N LYS B 63 5.96 16.88 -0.18
CA LYS B 63 4.81 17.76 -0.25
C LYS B 63 3.58 17.08 0.32
N GLU B 64 2.78 17.88 1.03
CA GLU B 64 1.55 17.45 1.67
C GLU B 64 0.63 16.77 0.65
N GLY B 65 0.13 15.60 1.01
CA GLY B 65 -0.85 14.90 0.17
C GLY B 65 -0.26 13.93 -0.85
N ASP B 66 1.05 13.93 -1.01
CA ASP B 66 1.71 13.01 -1.94
C ASP B 66 2.16 11.78 -1.17
N LEU B 67 2.45 10.69 -1.88
CA LEU B 67 2.74 9.41 -1.24
C LEU B 67 4.01 8.80 -1.76
N ASN B 68 4.80 8.24 -0.85
CA ASN B 68 5.96 7.46 -1.18
C ASN B 68 5.62 5.98 -0.99
N PHE B 69 6.39 5.09 -1.61
CA PHE B 69 6.32 3.69 -1.27
C PHE B 69 7.70 3.04 -1.37
N ALA B 70 7.92 2.03 -0.54
CA ALA B 70 9.18 1.30 -0.54
C ALA B 70 8.97 -0.13 -0.11
N THR B 71 9.78 -1.03 -0.68
CA THR B 71 9.90 -2.37 -0.12
C THR B 71 11.14 -2.45 0.77
N THR B 72 11.04 -3.30 1.78
CA THR B 72 12.19 -3.62 2.62
C THR B 72 12.34 -5.13 2.59
N VAL B 73 13.59 -5.56 2.45
CA VAL B 73 13.93 -6.96 2.56
C VAL B 73 14.76 -7.05 3.83
N LEU B 74 14.18 -7.65 4.86
CA LEU B 74 14.85 -7.80 6.14
C LEU B 74 15.34 -9.24 6.27
N TYR B 75 16.65 -9.40 6.30
CA TYR B 75 17.28 -10.72 6.24
C TYR B 75 17.20 -11.39 7.60
N PRO B 76 17.20 -12.74 7.63
CA PRO B 76 17.12 -13.42 8.92
C PRO B 76 18.46 -13.37 9.63
N GLY B 77 18.42 -13.40 10.95
CA GLY B 77 19.64 -13.42 11.72
C GLY B 77 19.38 -12.99 13.14
N LYS B 78 20.39 -13.16 13.97
CA LYS B 78 20.34 -12.78 15.36
C LYS B 78 21.66 -12.13 15.71
N VAL B 79 21.59 -11.13 16.58
CA VAL B 79 22.76 -10.58 17.23
C VAL B 79 22.60 -11.02 18.68
N GLY B 80 23.36 -12.04 19.07
CA GLY B 80 23.13 -12.76 20.32
C GLY B 80 21.74 -13.38 20.28
N LYS B 81 20.87 -12.92 21.18
CA LYS B 81 19.50 -13.42 21.31
C LYS B 81 18.52 -12.59 20.49
N GLU B 82 18.99 -11.46 19.97
CA GLU B 82 18.11 -10.46 19.40
C GLU B 82 17.98 -10.65 17.89
N PHE B 83 16.77 -10.86 17.41
CA PHE B 83 16.50 -10.94 15.96
C PHE B 83 16.87 -9.66 15.22
N PHE B 84 17.32 -9.83 13.98
CA PHE B 84 17.59 -8.71 13.08
C PHE B 84 16.36 -7.83 12.97
N PHE B 85 16.59 -6.53 12.90
CA PHE B 85 15.50 -5.57 12.85
C PHE B 85 15.92 -4.34 12.07
N THR B 86 14.96 -3.49 11.72
CA THR B 86 15.30 -2.22 11.08
C THR B 86 15.64 -1.21 12.17
N LYS B 87 16.38 -0.16 11.81
CA LYS B 87 16.81 0.83 12.79
C LYS B 87 15.61 1.36 13.58
N GLY B 88 14.54 1.71 12.88
CA GLY B 88 13.37 2.24 13.55
C GLY B 88 13.43 3.75 13.59
N HIS B 89 12.26 4.37 13.54
CA HIS B 89 12.19 5.83 13.51
C HIS B 89 10.81 6.30 13.92
N PHE B 90 10.73 7.57 14.33
CA PHE B 90 9.48 8.33 14.33
C PHE B 90 9.50 9.07 13.00
N HIS B 91 8.34 9.47 12.51
CA HIS B 91 8.35 10.39 11.38
C HIS B 91 8.76 11.79 11.82
N ALA B 92 9.44 12.52 10.92
CA ALA B 92 9.88 13.89 11.21
C ALA B 92 8.68 14.79 11.47
N LYS B 93 7.62 14.55 10.72
CA LYS B 93 6.31 15.10 11.04
C LYS B 93 5.55 13.99 11.74
N LEU B 94 5.39 14.14 13.06
CA LEU B 94 4.86 13.05 13.89
C LEU B 94 3.44 12.63 13.51
N ASP B 95 2.63 13.59 13.07
CA ASP B 95 1.24 13.34 12.70
C ASP B 95 1.09 12.80 11.28
N ARG B 96 1.86 11.75 10.95
CA ARG B 96 1.78 11.08 9.65
C ARG B 96 1.67 9.58 9.85
N ALA B 97 0.58 9.00 9.34
CA ALA B 97 0.40 7.55 9.43
C ALA B 97 1.15 6.83 8.31
N GLU B 98 1.19 5.49 8.39
CA GLU B 98 1.85 4.66 7.39
C GLU B 98 1.14 3.32 7.34
N VAL B 99 1.14 2.70 6.16
CA VAL B 99 0.54 1.38 5.97
C VAL B 99 1.61 0.42 5.49
N TYR B 100 1.73 -0.73 6.15
CA TYR B 100 2.64 -1.79 5.73
C TYR B 100 1.86 -2.97 5.20
N VAL B 101 2.41 -3.63 4.19
CA VAL B 101 1.79 -4.81 3.63
C VAL B 101 2.88 -5.89 3.65
N ALA B 102 2.69 -6.94 4.45
CA ALA B 102 3.64 -8.06 4.47
C ALA B 102 3.49 -8.95 3.22
N LEU B 103 4.61 -9.30 2.61
CA LEU B 103 4.58 -10.00 1.32
C LEU B 103 5.14 -11.39 1.48
N LYS B 104 6.24 -11.48 2.23
CA LYS B 104 6.97 -12.73 2.37
C LYS B 104 7.56 -12.85 3.76
N GLY B 105 7.61 -14.09 4.25
CA GLY B 105 8.33 -14.42 5.46
C GLY B 105 7.52 -14.24 6.72
N LYS B 106 8.22 -14.25 7.85
CA LYS B 106 7.64 -14.19 9.18
C LYS B 106 8.35 -13.11 9.97
N GLY B 107 7.59 -12.17 10.50
CA GLY B 107 8.17 -11.07 11.26
C GLY B 107 7.12 -10.37 12.08
N GLY B 108 7.36 -9.09 12.33
CA GLY B 108 6.39 -8.32 13.04
C GLY B 108 6.85 -6.90 13.23
N MET B 109 5.96 -6.08 13.77
CA MET B 109 6.31 -4.72 14.01
C MET B 109 6.27 -4.37 15.49
N LEU B 110 7.32 -3.69 15.93
CA LEU B 110 7.38 -3.17 17.28
C LEU B 110 7.11 -1.69 17.16
N LEU B 111 6.10 -1.22 17.89
CA LEU B 111 5.76 0.20 17.90
C LEU B 111 5.79 0.72 19.31
N GLN B 112 6.14 1.99 19.45
CA GLN B 112 6.06 2.65 20.74
C GLN B 112 5.69 4.12 20.61
N THR B 113 4.96 4.62 21.61
CA THR B 113 4.62 6.03 21.71
C THR B 113 5.83 6.82 22.20
N PRO B 114 5.78 8.17 22.08
CA PRO B 114 6.84 9.05 22.59
C PRO B 114 7.14 8.84 24.07
N GLU B 115 6.20 8.26 24.81
CA GLU B 115 6.35 8.01 26.25
C GLU B 115 6.91 6.61 26.54
N GLY B 116 7.06 5.81 25.48
CA GLY B 116 7.70 4.49 25.60
C GLY B 116 6.78 3.31 25.78
N ASP B 117 5.47 3.52 25.65
CA ASP B 117 4.50 2.42 25.70
C ASP B 117 4.51 1.62 24.40
N ALA B 118 4.62 0.30 24.53
CA ALA B 118 4.96 -0.58 23.40
C ALA B 118 3.81 -1.47 22.90
N LYS B 119 3.87 -1.81 21.61
CA LYS B 119 2.92 -2.73 21.01
C LYS B 119 3.64 -3.62 19.99
N TRP B 120 3.32 -4.91 20.03
CA TRP B 120 3.86 -5.88 19.06
C TRP B 120 2.75 -6.37 18.14
N ILE B 121 2.94 -6.22 16.82
CA ILE B 121 1.99 -6.75 15.83
C ILE B 121 2.67 -7.81 14.98
N SER B 122 2.20 -9.05 15.08
CA SER B 122 2.67 -10.14 14.21
C SER B 122 2.38 -9.86 12.75
N MET B 123 3.30 -10.26 11.88
CA MET B 123 3.16 -10.10 10.43
C MET B 123 3.52 -11.38 9.68
N GLU B 124 2.59 -11.80 8.84
CA GLU B 124 2.68 -12.99 8.02
C GLU B 124 2.27 -12.50 6.62
N PRO B 125 2.56 -13.25 5.54
CA PRO B 125 2.14 -12.70 4.25
C PRO B 125 0.65 -12.37 4.24
N GLY B 126 0.31 -11.18 3.76
CA GLY B 126 -1.07 -10.75 3.72
C GLY B 126 -1.50 -9.85 4.87
N THR B 127 -0.68 -9.78 5.92
CA THR B 127 -0.98 -8.86 7.01
C THR B 127 -0.74 -7.44 6.56
N VAL B 128 -1.75 -6.61 6.75
CA VAL B 128 -1.60 -5.19 6.57
C VAL B 128 -1.57 -4.53 7.94
N VAL B 129 -0.52 -3.75 8.20
CA VAL B 129 -0.37 -3.04 9.48
C VAL B 129 -0.59 -1.55 9.30
N TYR B 130 -1.43 -1.00 10.15
CA TYR B 130 -1.63 0.43 10.17
C TYR B 130 -0.79 1.02 11.29
N VAL B 131 0.13 1.91 10.91
CA VAL B 131 0.98 2.60 11.87
C VAL B 131 0.37 3.97 12.13
N PRO B 132 -0.19 4.19 13.33
CA PRO B 132 -0.85 5.46 13.54
C PRO B 132 0.11 6.59 13.76
N VAL B 133 -0.44 7.78 13.71
CA VAL B 133 0.22 9.02 14.03
C VAL B 133 0.87 8.88 15.43
N TYR B 134 2.09 9.42 15.56
CA TYR B 134 2.88 9.46 16.81
C TYR B 134 3.59 8.18 17.25
N TRP B 135 3.47 7.11 16.48
CA TRP B 135 4.10 5.86 16.89
C TRP B 135 5.42 5.64 16.15
N ALA B 136 6.48 5.40 16.91
CA ALA B 136 7.74 4.93 16.36
C ALA B 136 7.52 3.48 15.95
N HIS B 137 8.27 3.00 14.97
CA HIS B 137 8.04 1.69 14.41
C HIS B 137 9.34 1.08 13.90
N ARG B 138 9.50 -0.21 14.17
CA ARG B 138 10.68 -1.00 13.82
C ARG B 138 10.12 -2.35 13.43
N THR B 139 10.61 -2.91 12.33
CA THR B 139 10.22 -4.25 11.93
C THR B 139 11.30 -5.26 12.28
N VAL B 140 10.88 -6.49 12.56
CA VAL B 140 11.75 -7.53 13.08
C VAL B 140 11.49 -8.82 12.30
N ASN B 141 12.58 -9.50 11.91
CA ASN B 141 12.48 -10.76 11.22
C ASN B 141 12.63 -11.89 12.24
N ILE B 142 11.57 -12.66 12.48
CA ILE B 142 11.61 -13.72 13.50
C ILE B 142 11.76 -15.14 12.92
N GLY B 143 11.92 -15.25 11.60
CA GLY B 143 12.02 -16.56 10.94
C GLY B 143 13.36 -16.80 10.26
N ASP B 144 13.43 -17.86 9.45
CA ASP B 144 14.67 -18.36 8.84
C ASP B 144 14.92 -17.82 7.44
N GLU B 145 13.93 -17.08 6.91
CA GLU B 145 13.92 -16.65 5.52
C GLU B 145 13.75 -15.12 5.49
N PRO B 146 14.06 -14.46 4.35
CA PRO B 146 13.83 -13.02 4.30
C PRO B 146 12.37 -12.62 4.62
N PHE B 147 12.24 -11.50 5.31
CA PHE B 147 10.94 -10.91 5.64
C PHE B 147 10.80 -9.72 4.72
N ILE B 148 9.79 -9.75 3.86
CA ILE B 148 9.64 -8.73 2.82
C ILE B 148 8.30 -8.01 2.96
N PHE B 149 8.33 -6.69 2.92
CA PHE B 149 7.11 -5.93 3.06
C PHE B 149 7.15 -4.67 2.24
N LEU B 150 5.97 -4.08 2.02
CA LEU B 150 5.84 -2.86 1.27
C LEU B 150 5.30 -1.80 2.22
N ALA B 151 5.89 -0.61 2.19
CA ALA B 151 5.38 0.46 3.03
C ALA B 151 4.90 1.60 2.16
N ILE B 152 3.74 2.15 2.48
CA ILE B 152 3.19 3.31 1.80
C ILE B 152 3.03 4.39 2.85
N TYR B 153 3.59 5.56 2.58
CA TYR B 153 3.73 6.62 3.58
C TYR B 153 3.68 8.01 2.94
N PRO B 154 3.21 9.01 3.70
CA PRO B 154 3.13 10.37 3.16
C PRO B 154 4.52 10.86 2.78
N ALA B 155 4.60 11.54 1.65
CA ALA B 155 5.86 11.98 1.07
C ALA B 155 6.57 12.95 1.99
N ASP B 156 5.82 13.62 2.86
CA ASP B 156 6.39 14.60 3.79
C ASP B 156 6.66 14.09 5.23
N ALA B 157 6.42 12.79 5.47
CA ALA B 157 6.58 12.22 6.81
C ALA B 157 8.00 12.38 7.36
N GLY B 158 8.99 12.14 6.51
CA GLY B 158 10.39 12.20 6.92
C GLY B 158 10.76 11.03 7.82
N HIS B 159 12.01 11.03 8.28
CA HIS B 159 12.49 10.02 9.21
C HIS B 159 13.24 10.74 10.34
N ASP B 160 12.85 10.47 11.59
CA ASP B 160 13.62 10.88 12.75
C ASP B 160 14.20 9.61 13.39
N TYR B 161 15.49 9.39 13.14
CA TYR B 161 16.22 8.24 13.69
C TYR B 161 16.88 8.55 15.03
N GLY B 162 17.27 9.81 15.22
CA GLY B 162 18.05 10.25 16.38
C GLY B 162 17.56 9.79 17.74
N THR B 163 16.28 10.00 17.99
CA THR B 163 15.65 9.67 19.28
C THR B 163 15.77 8.17 19.56
N ILE B 164 15.49 7.36 18.55
CA ILE B 164 15.61 5.91 18.66
C ILE B 164 17.08 5.49 18.80
N ALA B 165 17.95 6.12 18.03
CA ALA B 165 19.38 5.80 18.06
C ALA B 165 19.97 5.92 19.46
N GLU B 166 19.50 6.92 20.21
CA GLU B 166 19.99 7.17 21.55
C GLU B 166 19.28 6.34 22.63
N LYS B 167 17.95 6.49 22.71
CA LYS B 167 17.15 5.82 23.75
C LYS B 167 16.74 4.38 23.39
N GLY B 168 16.49 4.15 22.10
CA GLY B 168 16.07 2.83 21.62
C GLY B 168 14.61 2.56 21.84
N PHE B 169 14.22 1.29 21.74
CA PHE B 169 12.86 0.87 22.05
C PHE B 169 12.82 0.30 23.45
N SER B 170 11.66 0.43 24.09
CA SER B 170 11.48 -0.04 25.47
C SER B 170 11.36 -1.55 25.54
N LYS B 171 11.14 -2.17 24.38
CA LYS B 171 11.03 -3.63 24.27
C LYS B 171 12.04 -4.14 23.28
N ILE B 172 12.49 -5.37 23.51
CA ILE B 172 13.33 -6.08 22.56
C ILE B 172 12.64 -7.39 22.18
N VAL B 173 12.94 -7.88 20.98
CA VAL B 173 12.40 -9.14 20.51
C VAL B 173 13.52 -10.14 20.40
N ILE B 174 13.40 -11.21 21.18
CA ILE B 174 14.48 -12.16 21.36
C ILE B 174 13.99 -13.59 21.18
N GLU B 175 14.94 -14.50 21.01
CA GLU B 175 14.67 -15.91 21.12
C GLU B 175 15.25 -16.38 22.45
N GLU B 176 14.42 -17.04 23.24
CA GLU B 176 14.79 -17.50 24.56
C GLU B 176 14.09 -18.83 24.81
N ASN B 177 14.89 -19.87 25.05
CA ASN B 177 14.41 -21.25 25.18
C ASN B 177 13.62 -21.73 23.96
N GLY B 178 14.07 -21.31 22.78
CA GLY B 178 13.42 -21.63 21.51
C GLY B 178 12.04 -21.01 21.33
N GLU B 179 11.75 -19.96 22.10
CA GLU B 179 10.50 -19.23 21.99
C GLU B 179 10.80 -17.78 21.61
N VAL B 180 9.99 -17.22 20.71
CA VAL B 180 10.08 -15.79 20.40
C VAL B 180 9.40 -15.03 21.53
N LYS B 181 10.15 -14.13 22.17
CA LYS B 181 9.64 -13.36 23.29
C LYS B 181 9.81 -11.88 23.07
N VAL B 182 8.78 -11.12 23.42
CA VAL B 182 8.85 -9.66 23.42
C VAL B 182 8.98 -9.23 24.88
N VAL B 183 10.14 -8.71 25.23
CA VAL B 183 10.46 -8.44 26.63
C VAL B 183 11.01 -7.05 26.82
N ASP B 184 11.09 -6.61 28.08
CA ASP B 184 11.65 -5.32 28.42
C ASP B 184 13.10 -5.20 27.98
N ASN B 185 13.42 -4.08 27.34
CA ASN B 185 14.79 -3.73 27.02
C ASN B 185 15.53 -3.34 28.29
N PRO B 186 16.52 -4.15 28.72
CA PRO B 186 17.31 -3.86 29.93
C PRO B 186 18.10 -2.56 29.85
N ARG B 187 18.34 -2.06 28.64
CA ARG B 187 19.10 -0.82 28.48
C ARG B 187 18.22 0.38 28.08
N TRP B 188 16.91 0.22 28.19
CA TRP B 188 15.94 1.27 27.85
C TRP B 188 16.04 2.47 28.79
N LYS B 189 16.25 3.66 28.18
CA LYS B 189 16.32 4.91 28.91
C LYS B 189 14.96 5.30 29.48
N LYS B 190 14.66 4.85 30.69
CA LYS B 190 13.39 5.13 31.34
C LYS B 190 12.68 3.85 31.77
MN MN C . -9.07 7.31 -5.25
C1 F6R D . -10.21 5.32 -3.12
C2 F6R D . -9.97 4.54 -4.40
C3 F6R D . -10.36 3.07 -4.51
C4 F6R D . -11.76 3.02 -5.14
C5 F6R D . -12.35 1.62 -5.39
C6 F6R D . -13.77 1.67 -5.92
O1 F6R D . -9.78 6.70 -3.22
O2 F6R D . -9.48 5.12 -5.39
O3 F6R D . -10.38 2.38 -3.24
O4 F6R D . -12.62 3.78 -4.26
O5 F6R D . -11.57 0.85 -6.32
O6 F6R D . -13.83 2.47 -7.12
P F6R D . -14.76 3.80 -7.21
O1P F6R D . -14.27 4.48 -8.48
O2P F6R D . -16.16 3.23 -7.23
O3P F6R D . -14.48 4.58 -5.95
MN MN E . 7.95 5.08 8.66
C1 F6R F . 9.14 4.66 5.76
C2 F6R F . 9.26 3.34 6.51
C3 F6R F . 9.95 2.15 5.88
C4 F6R F . 11.33 2.08 6.54
C5 F6R F . 12.17 0.90 6.05
C6 F6R F . 13.60 0.94 6.63
O1 F6R F . 8.43 5.66 6.52
O2 F6R F . 8.81 3.22 7.64
O3 F6R F . 10.06 2.29 4.45
O4 F6R F . 12.02 3.32 6.30
O5 F6R F . 11.54 -0.33 6.44
O6 F6R F . 13.54 1.08 8.06
P F6R F . 14.29 2.29 8.83
O1P F6R F . 13.84 3.57 8.13
O2P F6R F . 15.77 2.01 8.65
O3P F6R F . 13.77 2.16 10.23
#